data_6P78
#
_entry.id   6P78
#
_cell.length_a   57.606
_cell.length_b   57.606
_cell.length_c   152.414
_cell.angle_alpha   90.000
_cell.angle_beta   90.000
_cell.angle_gamma   90.000
#
_symmetry.space_group_name_H-M   'P 43 21 2'
#
loop_
_entity.id
_entity.type
_entity.pdbx_description
1 polymer 'Queuine lyase'
2 non-polymer 'IRON/SULFUR CLUSTER'
3 non-polymer 2-amino-5-({[(1S,4S,5S)-4,5-dihydroxycyclopent-2-en-1-yl]amino}methyl)-1,7-dihydro-4H-pyrrolo[2,3-d]pyrimidin-4-one
4 non-polymer S-ADENOSYLMETHIONINE
5 water water
#
_entity_poly.entity_id   1
_entity_poly.type   'polypeptide(L)'
_entity_poly.pdbx_seq_one_letter_code
;MHHHHHHSSGVDLGTENLYFQSMERYSHILEKDKREIVLLKSRPCIWGKCSFCDYIEDNDVDQKENQKINDEVLNKITGQ
YGVLEVINSGSFFELPDETIERIYKIIGEKKIKRLYIEAHYLYKKKIKALREKFKIEIIVKTGIETFNDEMRNNVLNKNI
HFDKIEEILEDFDSP(SMC)LMVGIQGQTKEMIRKDIEILTKYFDHGTINIYRNNSTPIKRDEELIKWFDEEYHDLKNNR
KYDYLGIPTDFGVGD
;
_entity_poly.pdbx_strand_id   A
#
loop_
_chem_comp.id
_chem_comp.type
_chem_comp.name
_chem_comp.formula
QUG non-polymer 2-amino-5-({[(1S,4S,5S)-4,5-dihydroxycyclopent-2-en-1-yl]amino}methyl)-1,7-dihydro-4H-pyrrolo[2,3-d]pyrimidin-4-one 'C12 H15 N5 O3'
SAM non-polymer S-ADENOSYLMETHIONINE 'C15 H22 N6 O5 S'
SF4 non-polymer 'IRON/SULFUR CLUSTER' 'Fe4 S4'
#
# COMPACT_ATOMS: atom_id res chain seq x y z
N SER A 22 -13.19 14.62 11.32
CA SER A 22 -12.42 13.40 11.53
C SER A 22 -12.02 12.75 10.20
N MET A 23 -11.21 11.71 10.27
CA MET A 23 -10.61 11.11 9.09
CA MET A 23 -10.63 11.14 9.07
C MET A 23 -11.56 10.11 8.46
N GLU A 24 -11.58 10.10 7.12
CA GLU A 24 -12.36 9.12 6.37
C GLU A 24 -11.65 7.78 6.43
N ARG A 25 -12.33 6.75 6.97
CA ARG A 25 -11.71 5.45 7.11
C ARG A 25 -12.41 4.35 6.34
N TYR A 26 -13.57 4.62 5.72
CA TYR A 26 -14.25 3.62 4.93
C TYR A 26 -14.64 4.21 3.58
N SER A 27 -14.30 3.51 2.50
CA SER A 27 -14.75 3.97 1.19
C SER A 27 -14.82 2.77 0.24
N HIS A 28 -15.22 3.04 -1.00
CA HIS A 28 -15.16 2.06 -2.09
C HIS A 28 -14.19 2.55 -3.16
N ILE A 29 -13.46 1.61 -3.75
CA ILE A 29 -12.75 1.86 -5.00
C ILE A 29 -13.63 1.42 -6.16
N LEU A 30 -13.96 2.37 -7.04
CA LEU A 30 -15.00 2.19 -8.04
C LEU A 30 -14.47 1.93 -9.45
N GLU A 31 -13.16 1.85 -9.62
CA GLU A 31 -12.56 1.54 -10.91
C GLU A 31 -11.67 0.31 -10.78
N LYS A 32 -11.49 -0.39 -11.90
CA LYS A 32 -10.63 -1.58 -11.99
C LYS A 32 -11.17 -2.64 -11.04
N ASP A 33 -10.41 -3.14 -10.08
CA ASP A 33 -10.90 -4.19 -9.18
C ASP A 33 -11.74 -3.55 -8.07
N LYS A 34 -13.01 -3.30 -8.35
CA LYS A 34 -13.88 -2.61 -7.40
CA LYS A 34 -13.88 -2.61 -7.40
C LYS A 34 -13.90 -3.35 -6.06
N ARG A 35 -13.82 -2.58 -4.97
CA ARG A 35 -13.67 -3.17 -3.66
C ARG A 35 -13.99 -2.15 -2.59
N GLU A 36 -14.30 -2.66 -1.39
CA GLU A 36 -14.32 -1.82 -0.19
C GLU A 36 -12.90 -1.63 0.31
N ILE A 37 -12.64 -0.48 0.91
CA ILE A 37 -11.34 -0.20 1.52
C ILE A 37 -11.54 0.42 2.89
N VAL A 38 -10.74 -0.01 3.85
CA VAL A 38 -10.75 0.56 5.20
C VAL A 38 -9.35 0.97 5.58
N LEU A 39 -9.24 2.11 6.25
CA LEU A 39 -7.98 2.64 6.78
C LEU A 39 -8.05 2.55 8.30
N LEU A 40 -7.31 1.61 8.88
CA LEU A 40 -7.41 1.23 10.28
C LEU A 40 -6.18 1.73 11.05
N LYS A 41 -6.28 1.73 12.39
CA LYS A 41 -5.21 2.19 13.27
C LYS A 41 -4.40 1.01 13.80
N SER A 42 -3.07 1.19 13.88
CA SER A 42 -2.17 0.13 14.32
C SER A 42 -1.09 0.72 15.24
N ARG A 43 -0.41 -0.17 15.96
CA ARG A 43 0.75 0.24 16.76
C ARG A 43 1.89 0.71 15.85
N PRO A 44 2.90 1.39 16.41
CA PRO A 44 3.93 2.02 15.57
C PRO A 44 4.52 1.08 14.52
N CYS A 45 4.70 1.62 13.33
CA CYS A 45 5.40 0.91 12.25
C CYS A 45 6.75 0.39 12.74
N ILE A 46 7.03 -0.89 12.46
CA ILE A 46 8.23 -1.49 13.07
C ILE A 46 9.48 -0.88 12.48
N TRP A 47 9.40 -0.32 11.27
CA TRP A 47 10.54 0.39 10.69
C TRP A 47 10.42 1.86 11.08
N GLY A 48 9.43 2.55 10.51
CA GLY A 48 9.13 3.91 10.94
C GLY A 48 10.16 4.96 10.58
N LYS A 49 11.12 4.67 9.71
CA LYS A 49 12.22 5.62 9.46
C LYS A 49 12.32 6.06 8.00
N CYS A 50 11.31 5.77 7.19
CA CYS A 50 11.34 6.22 5.80
C CYS A 50 11.35 7.75 5.77
N SER A 51 12.21 8.32 4.93
CA SER A 51 12.46 9.75 5.06
C SER A 51 11.27 10.60 4.63
N PHE A 52 10.33 10.04 3.86
CA PHE A 52 9.25 10.79 3.22
C PHE A 52 7.89 10.55 3.83
N CYS A 53 7.80 9.66 4.80
CA CYS A 53 6.52 9.13 5.26
C CYS A 53 6.07 9.87 6.51
N ASP A 54 4.83 10.39 6.49
CA ASP A 54 4.24 10.89 7.73
C ASP A 54 2.84 10.31 7.93
N TYR A 55 2.52 9.21 7.23
CA TYR A 55 1.30 8.47 7.53
C TYR A 55 1.37 7.84 8.91
N ILE A 56 2.57 7.58 9.42
CA ILE A 56 2.72 6.93 10.71
C ILE A 56 2.25 7.82 11.85
N GLU A 57 1.91 9.08 11.57
CA GLU A 57 1.23 9.89 12.58
C GLU A 57 -0.10 9.26 13.00
N ASP A 58 -0.68 8.36 12.18
CA ASP A 58 -1.92 7.70 12.55
C ASP A 58 -1.71 6.45 13.41
N ASN A 59 -0.46 6.03 13.60
CA ASN A 59 -0.16 4.95 14.52
C ASN A 59 -0.47 5.37 15.96
N ASP A 60 -0.71 4.37 16.82
CA ASP A 60 -0.84 4.59 18.25
C ASP A 60 -0.41 3.34 19.02
N VAL A 61 0.35 3.53 20.10
CA VAL A 61 0.85 2.40 20.88
C VAL A 61 -0.27 1.65 21.60
N ASP A 62 -1.39 2.33 21.91
CA ASP A 62 -2.47 1.75 22.71
C ASP A 62 -3.35 0.89 21.81
N GLN A 63 -3.09 -0.42 21.77
CA GLN A 63 -3.82 -1.29 20.87
C GLN A 63 -5.28 -1.47 21.30
N LYS A 64 -5.60 -1.25 22.58
CA LYS A 64 -7.00 -1.41 22.94
C LYS A 64 -7.83 -0.23 22.42
N GLU A 65 -7.28 0.98 22.40
CA GLU A 65 -7.96 2.09 21.78
C GLU A 65 -8.00 1.94 20.25
N ASN A 66 -6.91 1.44 19.65
CA ASN A 66 -6.96 1.16 18.22
C ASN A 66 -8.08 0.19 17.90
N GLN A 67 -8.28 -0.83 18.73
CA GLN A 67 -9.28 -1.83 18.43
C GLN A 67 -10.68 -1.22 18.47
N LYS A 68 -10.92 -0.34 19.43
CA LYS A 68 -12.23 0.31 19.56
C LYS A 68 -12.53 1.17 18.34
N ILE A 69 -11.54 1.97 17.92
CA ILE A 69 -11.64 2.77 16.69
C ILE A 69 -11.87 1.87 15.48
N ASN A 70 -11.04 0.82 15.37
CA ASN A 70 -11.14 -0.06 14.20
C ASN A 70 -12.49 -0.76 14.14
N ASP A 71 -13.05 -1.12 15.29
CA ASP A 71 -14.29 -1.90 15.25
C ASP A 71 -15.43 -1.10 14.65
N GLU A 72 -15.45 0.22 14.85
CA GLU A 72 -16.50 1.04 14.25
C GLU A 72 -16.35 1.14 12.74
N VAL A 73 -15.12 1.05 12.23
CA VAL A 73 -14.91 1.03 10.79
C VAL A 73 -15.34 -0.31 10.22
N LEU A 74 -14.93 -1.40 10.88
CA LEU A 74 -15.18 -2.73 10.37
C LEU A 74 -16.67 -3.05 10.30
N ASN A 75 -17.48 -2.43 11.17
CA ASN A 75 -18.93 -2.59 11.08
C ASN A 75 -19.51 -2.18 9.74
N LYS A 76 -18.80 -1.37 8.96
CA LYS A 76 -19.34 -0.91 7.70
C LYS A 76 -19.11 -1.87 6.55
N ILE A 77 -18.24 -2.87 6.73
CA ILE A 77 -17.92 -3.78 5.63
C ILE A 77 -19.12 -4.68 5.33
N THR A 78 -19.49 -4.77 4.06
CA THR A 78 -20.64 -5.56 3.62
C THR A 78 -20.26 -6.74 2.74
N GLY A 79 -19.06 -6.73 2.16
CA GLY A 79 -18.70 -7.71 1.16
C GLY A 79 -19.40 -7.53 -0.17
N GLN A 80 -19.94 -6.33 -0.45
CA GLN A 80 -20.81 -6.17 -1.61
C GLN A 80 -20.10 -6.43 -2.94
N TYR A 81 -18.78 -6.27 -3.01
CA TYR A 81 -18.03 -6.58 -4.22
C TYR A 81 -17.30 -7.91 -4.16
N GLY A 82 -17.34 -8.60 -3.01
CA GLY A 82 -16.56 -9.80 -2.77
C GLY A 82 -15.07 -9.54 -2.60
N VAL A 83 -14.67 -8.28 -2.51
CA VAL A 83 -13.27 -7.87 -2.49
C VAL A 83 -13.12 -6.77 -1.46
N LEU A 84 -12.04 -6.84 -0.66
CA LEU A 84 -11.79 -5.92 0.45
C LEU A 84 -10.31 -5.52 0.46
N GLU A 85 -10.03 -4.26 0.76
CA GLU A 85 -8.66 -3.82 0.99
C GLU A 85 -8.54 -3.24 2.39
N VAL A 86 -7.49 -3.63 3.10
CA VAL A 86 -7.19 -3.10 4.43
C VAL A 86 -5.85 -2.38 4.36
N ILE A 87 -5.85 -1.11 4.72
CA ILE A 87 -4.58 -0.38 4.88
C ILE A 87 -4.56 0.22 6.28
N ASN A 88 -3.35 0.53 6.77
CA ASN A 88 -3.26 0.99 8.16
C ASN A 88 -1.98 1.74 8.49
N SER A 89 -1.41 2.46 7.52
CA SER A 89 -0.25 3.33 7.80
C SER A 89 0.85 2.52 8.46
N GLY A 90 1.08 1.33 7.95
CA GLY A 90 2.16 0.50 8.40
C GLY A 90 1.99 -0.83 7.71
N SER A 91 2.17 -1.93 8.43
CA SER A 91 1.94 -3.24 7.85
C SER A 91 0.79 -3.90 8.58
N PHE A 92 0.12 -4.79 7.85
CA PHE A 92 -1.06 -5.49 8.38
C PHE A 92 -0.79 -6.12 9.74
N PHE A 93 0.41 -6.65 9.95
CA PHE A 93 0.75 -7.38 11.17
C PHE A 93 0.76 -6.49 12.41
N GLU A 94 0.77 -5.17 12.25
CA GLU A 94 0.78 -4.27 13.38
C GLU A 94 -0.63 -3.95 13.87
N LEU A 95 -1.64 -4.45 13.19
CA LEU A 95 -3.01 -4.26 13.69
C LEU A 95 -3.20 -5.01 15.00
N PRO A 96 -4.12 -4.54 15.85
CA PRO A 96 -4.44 -5.30 17.06
C PRO A 96 -4.82 -6.73 16.70
N ASP A 97 -4.49 -7.66 17.60
CA ASP A 97 -4.86 -9.04 17.34
C ASP A 97 -6.37 -9.19 17.18
N GLU A 98 -7.15 -8.40 17.94
CA GLU A 98 -8.60 -8.48 17.85
C GLU A 98 -9.11 -7.90 16.53
N THR A 99 -8.41 -6.89 15.98
CA THR A 99 -8.80 -6.38 14.68
C THR A 99 -8.55 -7.42 13.61
N ILE A 100 -7.38 -8.07 13.65
CA ILE A 100 -7.06 -9.10 12.66
C ILE A 100 -8.06 -10.24 12.72
N GLU A 101 -8.39 -10.71 13.93
CA GLU A 101 -9.34 -11.82 14.00
C GLU A 101 -10.74 -11.39 13.57
N ARG A 102 -11.11 -10.13 13.78
CA ARG A 102 -12.41 -9.70 13.24
C ARG A 102 -12.41 -9.66 11.72
N ILE A 103 -11.33 -9.18 11.11
CA ILE A 103 -11.24 -9.20 9.65
C ILE A 103 -11.40 -10.62 9.12
N TYR A 104 -10.73 -11.58 9.77
CA TYR A 104 -10.87 -12.98 9.38
C TYR A 104 -12.32 -13.43 9.46
N LYS A 105 -13.00 -13.07 10.55
CA LYS A 105 -14.41 -13.42 10.71
C LYS A 105 -15.25 -12.81 9.59
N ILE A 106 -15.02 -11.53 9.32
CA ILE A 106 -15.81 -10.82 8.30
C ILE A 106 -15.60 -11.44 6.93
N ILE A 107 -14.37 -11.84 6.61
CA ILE A 107 -14.10 -12.52 5.33
C ILE A 107 -15.05 -13.69 5.13
N GLY A 108 -15.24 -14.50 6.17
CA GLY A 108 -16.10 -15.67 6.04
C GLY A 108 -17.57 -15.29 6.05
N GLU A 109 -17.94 -14.32 6.88
CA GLU A 109 -19.36 -14.01 7.06
C GLU A 109 -19.92 -13.26 5.86
N LYS A 110 -19.10 -12.41 5.25
CA LYS A 110 -19.51 -11.58 4.12
C LYS A 110 -19.07 -12.18 2.79
N LYS A 111 -18.51 -13.38 2.81
CA LYS A 111 -18.22 -14.13 1.58
C LYS A 111 -17.20 -13.40 0.72
N ILE A 112 -16.16 -12.85 1.34
CA ILE A 112 -15.15 -12.11 0.59
C ILE A 112 -14.13 -13.09 0.03
N LYS A 113 -13.82 -12.95 -1.26
CA LYS A 113 -12.98 -13.91 -1.96
C LYS A 113 -11.60 -13.37 -2.27
N ARG A 114 -11.35 -12.08 -2.09
CA ARG A 114 -10.04 -11.49 -2.38
C ARG A 114 -9.80 -10.35 -1.40
N LEU A 115 -8.62 -10.35 -0.78
CA LEU A 115 -8.24 -9.37 0.23
C LEU A 115 -6.92 -8.75 -0.18
N TYR A 116 -6.86 -7.42 -0.18
CA TYR A 116 -5.59 -6.69 -0.33
C TYR A 116 -5.12 -6.23 1.05
N ILE A 117 -3.81 -6.41 1.32
CA ILE A 117 -3.18 -5.90 2.54
C ILE A 117 -1.83 -5.30 2.13
N GLU A 118 -1.20 -4.62 3.08
CA GLU A 118 0.12 -4.03 2.86
C GLU A 118 1.07 -4.57 3.91
N ALA A 119 2.31 -4.87 3.51
CA ALA A 119 3.32 -5.25 4.49
C ALA A 119 4.67 -4.80 3.96
N HIS A 120 5.48 -4.24 4.85
CA HIS A 120 6.86 -3.90 4.53
C HIS A 120 7.65 -5.16 4.24
N TYR A 121 8.67 -5.03 3.39
CA TYR A 121 9.48 -6.17 3.00
C TYR A 121 10.06 -6.94 4.18
N LEU A 122 10.33 -6.26 5.30
CA LEU A 122 10.88 -6.93 6.46
C LEU A 122 9.95 -8.01 7.01
N TYR A 123 8.66 -7.96 6.66
CA TYR A 123 7.70 -8.99 7.05
C TYR A 123 7.61 -10.15 6.06
N LYS A 124 8.52 -10.23 5.09
CA LYS A 124 8.39 -11.21 4.01
C LYS A 124 8.12 -12.62 4.52
N LYS A 125 8.83 -13.06 5.57
CA LYS A 125 8.74 -14.45 5.99
C LYS A 125 7.44 -14.75 6.75
N LYS A 126 6.65 -13.74 7.12
CA LYS A 126 5.40 -13.96 7.81
C LYS A 126 4.22 -14.13 6.86
N ILE A 127 4.42 -13.86 5.57
CA ILE A 127 3.30 -13.82 4.63
CA ILE A 127 3.29 -13.82 4.63
C ILE A 127 2.72 -15.21 4.41
N LYS A 128 3.57 -16.23 4.29
CA LYS A 128 3.08 -17.57 3.99
C LYS A 128 2.08 -18.05 5.03
N ALA A 129 2.40 -17.85 6.32
CA ALA A 129 1.48 -18.29 7.36
C ALA A 129 0.17 -17.51 7.33
N LEU A 130 0.23 -16.22 6.97
CA LEU A 130 -0.99 -15.44 6.82
C LEU A 130 -1.84 -15.98 5.69
N ARG A 131 -1.23 -16.29 4.56
CA ARG A 131 -1.98 -16.87 3.44
C ARG A 131 -2.66 -18.16 3.87
N GLU A 132 -1.95 -19.02 4.59
CA GLU A 132 -2.52 -20.30 4.99
C GLU A 132 -3.64 -20.12 6.00
N LYS A 133 -3.56 -19.10 6.84
CA LYS A 133 -4.63 -18.88 7.81
C LYS A 133 -5.89 -18.38 7.11
N PHE A 134 -5.76 -17.39 6.23
CA PHE A 134 -6.91 -16.71 5.66
C PHE A 134 -7.57 -17.50 4.52
N LYS A 135 -6.79 -18.37 3.85
CA LYS A 135 -7.24 -19.30 2.81
C LYS A 135 -7.67 -18.65 1.49
N ILE A 136 -8.34 -17.50 1.54
CA ILE A 136 -8.76 -16.82 0.30
C ILE A 136 -7.59 -16.17 -0.42
N GLU A 137 -7.81 -15.72 -1.66
CA GLU A 137 -6.79 -15.00 -2.41
C GLU A 137 -6.37 -13.71 -1.70
N ILE A 138 -5.08 -13.58 -1.38
CA ILE A 138 -4.56 -12.35 -0.79
C ILE A 138 -3.62 -11.71 -1.78
N ILE A 139 -3.83 -10.42 -2.02
CA ILE A 139 -2.90 -9.61 -2.80
C ILE A 139 -2.07 -8.82 -1.81
N VAL A 140 -0.78 -9.12 -1.69
CA VAL A 140 0.05 -8.45 -0.69
C VAL A 140 0.80 -7.30 -1.38
N LYS A 141 0.46 -6.07 -1.00
CA LYS A 141 1.11 -4.86 -1.46
C LYS A 141 2.33 -4.53 -0.61
N THR A 142 3.36 -3.96 -1.23
CA THR A 142 4.54 -3.58 -0.45
C THR A 142 5.15 -2.32 -1.05
N GLY A 143 5.70 -1.46 -0.18
CA GLY A 143 6.18 -0.14 -0.58
C GLY A 143 7.60 -0.14 -1.11
N ILE A 144 7.79 -0.74 -2.29
CA ILE A 144 9.12 -0.75 -2.93
C ILE A 144 9.57 0.69 -3.19
N GLU A 145 8.63 1.54 -3.60
CA GLU A 145 8.80 2.93 -4.02
C GLU A 145 9.57 3.09 -5.34
N THR A 146 10.77 2.49 -5.44
CA THR A 146 11.53 2.50 -6.68
C THR A 146 12.42 1.26 -6.68
N PHE A 147 12.60 0.67 -7.85
CA PHE A 147 13.48 -0.48 -7.92
C PHE A 147 14.95 -0.08 -7.93
N ASN A 148 15.23 1.22 -8.00
CA ASN A 148 16.62 1.70 -7.93
C ASN A 148 17.13 1.57 -6.49
N ASP A 149 18.15 0.73 -6.30
CA ASP A 149 18.57 0.37 -4.95
C ASP A 149 19.02 1.59 -4.16
N GLU A 150 19.85 2.44 -4.78
CA GLU A 150 20.41 3.57 -4.04
C GLU A 150 19.33 4.59 -3.68
N MET A 151 18.42 4.90 -4.59
CA MET A 151 17.34 5.82 -4.23
CA MET A 151 17.35 5.83 -4.24
C MET A 151 16.47 5.22 -3.14
N ARG A 152 16.14 3.93 -3.26
CA ARG A 152 15.25 3.30 -2.30
C ARG A 152 15.86 3.26 -0.89
N ASN A 153 17.15 2.93 -0.78
CA ASN A 153 17.73 2.69 0.52
C ASN A 153 18.60 3.81 1.04
N ASN A 154 19.20 4.62 0.16
CA ASN A 154 20.05 5.71 0.60
C ASN A 154 19.34 7.06 0.63
N VAL A 155 18.27 7.25 -0.12
CA VAL A 155 17.53 8.50 -0.13
C VAL A 155 16.21 8.36 0.63
N LEU A 156 15.42 7.36 0.29
CA LEU A 156 14.10 7.16 0.90
C LEU A 156 14.17 6.35 2.19
N ASN A 157 15.33 5.76 2.47
CA ASN A 157 15.62 5.02 3.69
C ASN A 157 14.58 3.93 3.96
N LYS A 158 14.29 3.12 2.94
CA LYS A 158 13.26 2.09 3.09
C LYS A 158 13.76 0.81 3.75
N ASN A 159 15.07 0.56 3.73
CA ASN A 159 15.64 -0.72 4.19
C ASN A 159 14.94 -1.91 3.52
N ILE A 160 14.96 -1.91 2.19
CA ILE A 160 14.37 -2.97 1.40
C ILE A 160 15.45 -3.53 0.50
N HIS A 161 15.89 -4.76 0.77
CA HIS A 161 17.06 -5.32 0.11
C HIS A 161 16.66 -6.63 -0.55
N PHE A 162 16.79 -6.69 -1.88
CA PHE A 162 16.56 -7.91 -2.64
C PHE A 162 17.61 -8.01 -3.72
N ASP A 163 17.98 -9.23 -4.04
CA ASP A 163 19.03 -9.53 -5.02
C ASP A 163 18.48 -9.62 -6.44
N LYS A 164 17.27 -10.14 -6.60
CA LYS A 164 16.61 -10.39 -7.88
C LYS A 164 15.15 -9.96 -7.75
N ILE A 165 14.53 -9.54 -8.85
CA ILE A 165 13.11 -9.16 -8.79
C ILE A 165 12.27 -10.35 -8.39
N GLU A 166 12.63 -11.55 -8.89
CA GLU A 166 11.87 -12.76 -8.58
C GLU A 166 11.82 -13.02 -7.08
N GLU A 167 12.81 -12.53 -6.31
CA GLU A 167 12.76 -12.69 -4.87
C GLU A 167 11.55 -12.00 -4.26
N ILE A 168 11.19 -10.81 -4.79
CA ILE A 168 10.02 -10.10 -4.30
C ILE A 168 8.78 -10.95 -4.52
N LEU A 169 8.66 -11.52 -5.71
CA LEU A 169 7.47 -12.26 -6.11
C LEU A 169 7.28 -13.55 -5.34
N GLU A 170 8.30 -14.02 -4.63
CA GLU A 170 8.10 -15.20 -3.79
C GLU A 170 6.97 -14.99 -2.80
N ASP A 171 6.76 -13.76 -2.34
CA ASP A 171 5.78 -13.53 -1.29
C ASP A 171 4.94 -12.28 -1.48
N PHE A 172 5.35 -11.32 -2.30
CA PHE A 172 4.62 -10.09 -2.51
C PHE A 172 4.06 -10.07 -3.92
N ASP A 173 2.91 -9.44 -4.07
CA ASP A 173 2.22 -9.42 -5.34
C ASP A 173 2.20 -8.06 -6.02
N SER A 174 2.28 -6.97 -5.27
CA SER A 174 1.85 -5.66 -5.77
C SER A 174 2.75 -4.55 -5.24
N PRO A 175 3.70 -4.07 -6.05
CA PRO A 175 4.54 -2.98 -5.56
C PRO A 175 3.83 -1.64 -5.65
N SMC A 176 3.93 -0.86 -4.59
CA SMC A 176 3.65 0.56 -4.57
CB SMC A 176 3.36 1.11 -3.19
SG SMC A 176 1.80 0.51 -2.60
CS SMC A 176 2.22 -0.08 -1.01
C SMC A 176 4.90 1.29 -5.06
O SMC A 176 6.00 1.08 -4.55
N LEU A 177 4.72 2.14 -6.07
CA LEU A 177 5.82 2.92 -6.65
C LEU A 177 5.50 4.39 -6.42
N MET A 178 6.53 5.21 -6.23
CA MET A 178 6.33 6.62 -5.97
C MET A 178 6.98 7.35 -7.13
N VAL A 179 6.29 8.31 -7.69
CA VAL A 179 6.81 9.03 -8.85
C VAL A 179 6.83 10.51 -8.55
N GLY A 180 7.97 11.15 -8.82
CA GLY A 180 7.98 12.58 -8.78
C GLY A 180 8.73 13.19 -7.60
N ILE A 181 9.82 12.56 -7.17
CA ILE A 181 10.60 13.01 -6.02
C ILE A 181 11.91 13.62 -6.50
N GLN A 182 12.30 14.75 -5.91
CA GLN A 182 13.60 15.35 -6.23
C GLN A 182 14.72 14.33 -6.04
N GLY A 183 15.57 14.21 -7.04
CA GLY A 183 16.59 13.19 -7.04
C GLY A 183 16.31 12.04 -7.97
N GLN A 184 15.05 11.85 -8.35
CA GLN A 184 14.72 10.90 -9.40
C GLN A 184 15.13 11.46 -10.77
N THR A 185 15.19 10.56 -11.76
CA THR A 185 15.45 10.93 -13.15
C THR A 185 14.41 10.27 -14.03
N LYS A 186 14.31 10.74 -15.28
CA LYS A 186 13.46 10.04 -16.24
C LYS A 186 13.88 8.59 -16.40
N GLU A 187 15.18 8.34 -16.49
CA GLU A 187 15.66 6.96 -16.66
C GLU A 187 15.23 6.09 -15.49
N MET A 188 15.26 6.65 -14.28
CA MET A 188 14.90 5.85 -13.12
C MET A 188 13.42 5.47 -13.16
N ILE A 189 12.58 6.44 -13.50
CA ILE A 189 11.13 6.21 -13.55
C ILE A 189 10.78 5.27 -14.69
N ARG A 190 11.40 5.48 -15.85
CA ARG A 190 11.20 4.58 -17.00
C ARG A 190 11.49 3.14 -16.62
N LYS A 191 12.62 2.91 -15.91
CA LYS A 191 12.97 1.54 -15.55
C LYS A 191 11.97 0.97 -14.55
N ASP A 192 11.48 1.78 -13.61
CA ASP A 192 10.50 1.28 -12.67
C ASP A 192 9.23 0.81 -13.37
N ILE A 193 8.79 1.55 -14.41
CA ILE A 193 7.56 1.13 -15.09
C ILE A 193 7.85 -0.09 -15.95
N GLU A 194 9.04 -0.18 -16.54
CA GLU A 194 9.41 -1.38 -17.28
C GLU A 194 9.35 -2.62 -16.39
N ILE A 195 9.88 -2.49 -15.17
CA ILE A 195 9.92 -3.63 -14.26
C ILE A 195 8.51 -3.96 -13.79
N LEU A 196 7.74 -2.95 -13.40
CA LEU A 196 6.37 -3.17 -12.97
C LEU A 196 5.58 -3.95 -14.03
N THR A 197 5.65 -3.48 -15.28
CA THR A 197 4.79 -4.04 -16.31
C THR A 197 5.29 -5.42 -16.75
N LYS A 198 6.59 -5.70 -16.62
CA LYS A 198 7.08 -7.01 -17.05
C LYS A 198 6.77 -8.09 -16.01
N TYR A 199 6.91 -7.76 -14.72
CA TYR A 199 6.99 -8.78 -13.68
C TYR A 199 5.74 -8.92 -12.83
N PHE A 200 4.92 -7.88 -12.73
CA PHE A 200 3.91 -7.85 -11.68
C PHE A 200 2.51 -7.79 -12.27
N ASP A 201 1.57 -8.46 -11.61
CA ASP A 201 0.17 -8.50 -12.05
C ASP A 201 -0.71 -7.45 -11.37
N HIS A 202 -0.20 -6.79 -10.35
CA HIS A 202 -0.88 -5.65 -9.76
C HIS A 202 0.19 -4.70 -9.29
N GLY A 203 -0.23 -3.48 -8.97
CA GLY A 203 0.71 -2.49 -8.47
C GLY A 203 -0.05 -1.19 -8.32
N THR A 204 0.63 -0.23 -7.69
CA THR A 204 0.06 1.08 -7.40
C THR A 204 1.07 2.15 -7.79
N ILE A 205 0.63 3.14 -8.55
CA ILE A 205 1.45 4.29 -8.95
C ILE A 205 1.02 5.49 -8.13
N ASN A 206 1.90 5.97 -7.24
CA ASN A 206 1.57 7.08 -6.35
C ASN A 206 2.35 8.32 -6.78
N ILE A 207 1.66 9.32 -7.32
CA ILE A 207 2.31 10.61 -7.56
C ILE A 207 2.62 11.27 -6.23
N TYR A 208 3.88 11.67 -6.06
CA TYR A 208 4.33 12.13 -4.75
C TYR A 208 3.62 13.42 -4.33
N ARG A 209 3.22 13.48 -3.05
CA ARG A 209 2.63 14.67 -2.47
C ARG A 209 3.55 15.24 -1.39
N ASN A 210 3.82 16.54 -1.47
CA ASN A 210 4.55 17.20 -0.39
C ASN A 210 3.82 17.03 0.93
N ASN A 211 4.58 16.85 2.01
CA ASN A 211 3.99 16.64 3.32
C ASN A 211 4.86 17.30 4.40
N SER A 212 4.84 16.75 5.60
CA SER A 212 5.59 17.38 6.69
C SER A 212 7.06 16.99 6.70
N THR A 213 7.50 16.11 5.81
CA THR A 213 8.88 15.65 5.75
C THR A 213 9.69 16.53 4.81
N PRO A 214 11.02 16.43 4.83
CA PRO A 214 11.84 17.26 3.95
C PRO A 214 11.91 16.77 2.51
N ILE A 215 11.31 15.63 2.18
CA ILE A 215 11.37 15.09 0.83
C ILE A 215 10.33 15.80 -0.04
N LYS A 216 10.76 16.28 -1.21
CA LYS A 216 9.95 17.21 -2.00
C LYS A 216 9.67 16.71 -3.40
N ARG A 217 8.51 17.13 -3.92
CA ARG A 217 8.11 16.91 -5.31
C ARG A 217 9.08 17.55 -6.30
N ASP A 218 9.35 16.83 -7.40
CA ASP A 218 10.02 17.38 -8.58
C ASP A 218 8.91 17.68 -9.60
N GLU A 219 8.56 18.96 -9.75
CA GLU A 219 7.38 19.28 -10.57
C GLU A 219 7.62 18.99 -12.05
N GLU A 220 8.86 19.15 -12.52
CA GLU A 220 9.12 18.89 -13.93
C GLU A 220 8.96 17.42 -14.26
N LEU A 221 9.44 16.53 -13.38
CA LEU A 221 9.29 15.10 -13.62
C LEU A 221 7.83 14.69 -13.57
N ILE A 222 7.07 15.30 -12.66
CA ILE A 222 5.67 14.93 -12.56
C ILE A 222 4.93 15.36 -13.80
N LYS A 223 5.22 16.58 -14.29
CA LYS A 223 4.63 17.05 -15.53
C LYS A 223 4.96 16.10 -16.68
N TRP A 224 6.21 15.66 -16.74
CA TRP A 224 6.62 14.79 -17.83
C TRP A 224 5.91 13.44 -17.72
N PHE A 225 5.86 12.89 -16.51
CA PHE A 225 5.26 11.59 -16.31
C PHE A 225 3.77 11.63 -16.63
N ASP A 226 3.10 12.72 -16.25
CA ASP A 226 1.67 12.81 -16.50
C ASP A 226 1.33 12.72 -17.98
N GLU A 227 2.19 13.27 -18.84
CA GLU A 227 1.92 13.18 -20.28
C GLU A 227 2.49 11.92 -20.89
N GLU A 228 3.69 11.51 -20.48
CA GLU A 228 4.37 10.39 -21.14
C GLU A 228 3.75 9.05 -20.78
N TYR A 229 3.27 8.90 -19.55
CA TYR A 229 2.69 7.66 -19.07
C TYR A 229 1.18 7.78 -18.88
N HIS A 230 0.53 8.59 -19.71
CA HIS A 230 -0.91 8.75 -19.62
C HIS A 230 -1.64 7.42 -19.82
N ASP A 231 -1.12 6.54 -20.68
CA ASP A 231 -1.77 5.25 -20.89
C ASP A 231 -1.74 4.39 -19.64
N LEU A 232 -0.86 4.69 -18.68
CA LEU A 232 -0.82 3.94 -17.44
C LEU A 232 -2.06 4.18 -16.61
N LYS A 233 -2.65 5.37 -16.70
CA LYS A 233 -3.81 5.68 -15.88
C LYS A 233 -4.94 4.70 -16.13
N ASN A 234 -5.09 4.24 -17.38
CA ASN A 234 -6.19 3.38 -17.77
C ASN A 234 -5.82 1.91 -17.86
N ASN A 235 -4.63 1.53 -17.40
CA ASN A 235 -4.20 0.14 -17.41
C ASN A 235 -4.92 -0.62 -16.30
N ARG A 236 -5.70 -1.62 -16.69
CA ARG A 236 -6.56 -2.37 -15.77
C ARG A 236 -5.79 -2.98 -14.60
N LYS A 237 -4.50 -3.27 -14.77
CA LYS A 237 -3.77 -4.02 -13.75
C LYS A 237 -3.30 -3.16 -12.59
N TYR A 238 -3.17 -1.86 -12.78
CA TYR A 238 -2.41 -1.00 -11.88
C TYR A 238 -3.29 0.15 -11.44
N ASP A 239 -3.33 0.41 -10.14
CA ASP A 239 -4.08 1.55 -9.63
C ASP A 239 -3.22 2.79 -9.72
N TYR A 240 -3.82 3.90 -10.11
CA TYR A 240 -3.05 5.13 -10.33
C TYR A 240 -3.63 6.22 -9.44
N LEU A 241 -2.80 6.79 -8.56
CA LEU A 241 -3.29 7.83 -7.63
C LEU A 241 -2.54 9.13 -7.89
N GLY A 242 -3.21 10.09 -8.53
CA GLY A 242 -2.60 11.40 -8.70
C GLY A 242 -2.45 12.15 -7.39
N ILE A 243 -3.30 11.85 -6.42
CA ILE A 243 -3.30 12.45 -5.07
C ILE A 243 -3.55 11.31 -4.09
N PRO A 244 -2.89 11.27 -2.93
CA PRO A 244 -3.08 10.13 -2.00
C PRO A 244 -4.50 9.91 -1.55
N THR A 245 -5.36 10.93 -1.59
CA THR A 245 -6.75 10.80 -1.16
C THR A 245 -7.67 10.18 -2.21
N ASP A 246 -7.12 9.67 -3.33
CA ASP A 246 -7.98 9.26 -4.45
C ASP A 246 -8.77 7.98 -4.18
N PHE A 247 -8.38 7.16 -3.20
CA PHE A 247 -9.21 6.04 -2.78
C PHE A 247 -10.38 6.45 -1.87
N GLY A 248 -10.37 7.68 -1.35
CA GLY A 248 -11.44 8.16 -0.48
C GLY A 248 -11.20 7.96 1.00
N VAL A 249 -10.04 7.44 1.40
CA VAL A 249 -9.72 7.30 2.81
C VAL A 249 -8.46 8.13 3.07
N GLY A 250 -8.36 8.66 4.28
CA GLY A 250 -7.20 9.44 4.67
C GLY A 250 -7.35 10.92 4.34
N ASP A 251 -6.41 11.71 4.86
CA ASP A 251 -6.34 13.15 4.56
C ASP A 251 -5.18 13.42 3.60
FE1 SF4 B . 6.45 2.69 7.87
FE2 SF4 B . 5.80 2.09 5.27
FE3 SF4 B . 8.02 3.48 5.85
FE4 SF4 B . 5.74 4.69 6.31
S1 SF4 B . 6.46 4.01 4.22
S2 SF4 B . 7.52 4.65 7.77
S3 SF4 B . 4.38 2.99 6.93
S4 SF4 B . 7.64 1.37 6.39
N QUG C . -2.49 6.61 5.84
C QUG C . -2.67 7.83 6.38
O QUG C . -1.01 3.44 1.51
C1 QUG C . -2.71 6.35 4.53
C10 QUG C . -1.87 4.08 -1.78
C11 QUG C . -3.60 6.68 1.20
C2 QUG C . -3.20 7.48 3.71
C3 QUG C . -3.39 8.79 4.37
C4 QUG C . -3.97 9.03 2.24
C5 QUG C . -3.60 7.69 2.32
C6 QUG C . -1.46 2.98 -0.83
C7 QUG C . -2.03 3.37 0.52
C8 QUG C . -2.81 4.67 0.31
C9 QUG C . -2.61 5.00 -1.16
N1 QUG C . -3.11 8.92 5.69
N2 QUG C . -3.83 9.65 3.43
N3 QUG C . -2.42 5.79 1.20
N4 QUG C . -2.40 7.97 7.70
O1 QUG C . -2.08 1.73 -1.18
O2 QUG C . -2.52 5.22 4.05
N SAM D . 4.64 -0.03 5.34
CA SAM D . 4.58 -0.73 4.08
C SAM D . 5.82 -0.42 3.25
O SAM D . 6.30 -1.27 2.49
OXT SAM D . 6.39 0.68 3.34
CB SAM D . 3.30 -0.37 3.35
CG SAM D . 3.31 0.86 2.43
SD SAM D . 3.01 2.47 3.22
CE SAM D . 1.79 2.03 4.50
C5' SAM D . 1.95 3.38 2.06
C4' SAM D . 2.50 3.92 0.71
O4' SAM D . 2.05 5.25 0.45
C3' SAM D . 4.01 4.00 0.57
O3' SAM D . 4.58 2.75 0.21
C2' SAM D . 4.18 5.04 -0.52
O2' SAM D . 4.18 4.41 -1.81
C1' SAM D . 2.94 5.92 -0.40
N9 SAM D . 3.27 7.28 0.12
C8 SAM D . 3.76 7.65 1.37
N7 SAM D . 3.92 8.99 1.40
C5 SAM D . 3.53 9.50 0.21
C6 SAM D . 3.48 10.78 -0.30
N6 SAM D . 3.86 11.83 0.42
N1 SAM D . 3.03 10.99 -1.59
C2 SAM D . 2.66 9.92 -2.37
N3 SAM D . 2.69 8.65 -1.87
C4 SAM D . 3.12 8.44 -0.59
#